data_8Q77
#
_entry.id   8Q77
#
_cell.length_a   46.603
_cell.length_b   47.919
_cell.length_c   51.031
_cell.angle_alpha   66.590
_cell.angle_beta   89.670
_cell.angle_gamma   88.160
#
_symmetry.space_group_name_H-M   'P 1'
#
loop_
_entity.id
_entity.type
_entity.pdbx_description
1 polymer "Casein kinase II subunit alpha'"
2 non-polymer '(2~{S})-2-[[(2~{S})-2-[[(2~{S})-2-[12-[[4-[[5-(4-carboxyphenyl)-1,3-thiazol-2-yl]amino]-4-oxidanylidene-butanoyl]-(2-hydroxy-2-oxoethyl)amino]dodecanoylamino]-4-oxidanyl-4-oxidanylidene-butanoyl]amino]-4-oxidanyl-4-oxidanylidene-butanoyl]amino]butanedioic acid'
3 non-polymer 1,2-ETHANEDIOL
4 non-polymer 'CHLORIDE ION'
5 water water
#
_entity_poly.entity_id   1
_entity_poly.type   'polypeptide(L)'
_entity_poly.pdbx_seq_one_letter_code
;MGSSHHHHHHSQDPMPGPAAGSRARVYAEVNSLRSREYWDYEAHVPSWGNQDDYQLVRKLGRGKYSEVFEAINITNNERV
VVKILKPVKKKKIKREVKILENLRGGTNIIKLIDTVKDPVSKTPALVFEYINNTDFKQLYQILTDFDIRFYMYELLKALD
YCHSKGIMHRDVKPHNVMIDHQQKKLRLIDWGLAEFYHPAQEYNVRVASRYFKGPELLVDYQMYDYSLDMWSLGCMLASM
IFRREPFFHGQDNYDQLVRIAKVLGTEELYGYLKKYHIDLDPHFNDILGQHSRKRWENFIHSENRHLVSPEALDLLDKLL
RYDHQQRLTAKEAMEHPYFYPVVKEQSQPSADNAVLSSGLTAAR
;
_entity_poly.pdbx_strand_id   A
#
loop_
_chem_comp.id
_chem_comp.type
_chem_comp.name
_chem_comp.formula
CL non-polymer 'CHLORIDE ION' 'Cl -1'
EDO non-polymer 1,2-ETHANEDIOL 'C2 H6 O2'
LN3 non-polymer '(2~{S})-2-[[(2~{S})-2-[[(2~{S})-2-[12-[[4-[[5-(4-carboxyphenyl)-1,3-thiazol-2-yl]amino]-4-oxidanylidene-butanoyl]-(2-hydroxy-2-oxoethyl)amino]dodecanoylamino]-4-oxidanyl-4-oxidanylidene-butanoyl]amino]-4-oxidanyl-4-oxidanylidene-butanoyl]amino]butanedioic acid' 'C40 H52 N6 O17 S'
#
# COMPACT_ATOMS: atom_id res chain seq x y z
N GLY A 21 -3.16 21.40 -4.75
CA GLY A 21 -2.24 20.57 -3.97
C GLY A 21 -2.85 19.39 -3.21
N SER A 22 -1.98 18.52 -2.71
CA SER A 22 -2.35 17.37 -1.84
C SER A 22 -3.38 17.70 -0.78
N ARG A 23 -4.38 16.84 -0.68
CA ARG A 23 -5.38 17.00 0.37
C ARG A 23 -4.77 16.96 1.76
N ALA A 24 -3.71 16.15 1.95
CA ALA A 24 -3.03 16.04 3.26
C ALA A 24 -2.15 17.26 3.50
N ARG A 25 -2.82 18.42 3.76
CA ARG A 25 -2.12 19.71 3.82
C ARG A 25 -0.97 19.71 4.84
N VAL A 26 -1.18 19.10 6.01
CA VAL A 26 -0.18 19.01 7.07
C VAL A 26 1.04 18.18 6.67
N TYR A 27 0.88 17.24 5.70
CA TYR A 27 2.00 16.40 5.23
C TYR A 27 2.60 16.82 3.88
N ALA A 28 2.05 17.80 3.19
CA ALA A 28 2.47 18.13 1.83
C ALA A 28 3.91 18.54 1.76
N GLU A 29 4.36 19.47 2.63
CA GLU A 29 5.70 20.07 2.56
C GLU A 29 6.68 19.50 3.55
N VAL A 30 6.33 18.37 4.14
N VAL A 30 6.32 18.42 4.27
CA VAL A 30 7.03 17.91 5.32
CA VAL A 30 7.16 17.96 5.37
C VAL A 30 8.49 17.54 5.04
C VAL A 30 8.62 17.75 4.93
N ASN A 31 8.84 17.09 3.79
CA ASN A 31 10.25 16.81 3.49
C ASN A 31 11.07 18.08 3.32
N SER A 32 10.45 19.16 2.85
CA SER A 32 11.13 20.45 2.75
C SER A 32 11.48 21.03 4.11
N LEU A 33 10.77 20.62 5.16
CA LEU A 33 11.01 21.09 6.54
C LEU A 33 12.04 20.29 7.29
N ARG A 34 12.51 19.18 6.73
CA ARG A 34 13.54 18.31 7.34
C ARG A 34 14.92 18.58 6.72
N SER A 35 15.95 18.09 7.41
CA SER A 35 17.30 18.08 6.86
C SER A 35 17.38 17.40 5.51
N ARG A 36 18.22 17.87 4.60
CA ARG A 36 18.38 17.22 3.31
C ARG A 36 18.76 15.75 3.45
N GLU A 37 19.59 15.41 4.46
CA GLU A 37 19.99 14.00 4.63
C GLU A 37 18.80 13.09 4.88
N TYR A 38 17.68 13.59 5.39
CA TYR A 38 16.54 12.75 5.61
C TYR A 38 16.03 12.09 4.31
N TRP A 39 15.91 12.84 3.20
CA TRP A 39 15.34 12.38 1.95
C TRP A 39 16.37 12.09 0.88
N ASP A 40 17.59 12.58 1.03
CA ASP A 40 18.62 12.47 -0.03
C ASP A 40 19.28 11.08 0.03
N TYR A 41 18.51 10.07 -0.43
CA TYR A 41 18.92 8.68 -0.27
C TYR A 41 20.11 8.31 -1.15
N GLU A 42 20.35 9.05 -2.25
CA GLU A 42 21.53 8.80 -3.08
C GLU A 42 22.81 8.95 -2.29
N ALA A 43 22.79 9.83 -1.29
CA ALA A 43 23.95 10.16 -0.45
C ALA A 43 24.02 9.31 0.82
N HIS A 44 23.05 8.42 1.05
CA HIS A 44 23.04 7.59 2.27
C HIS A 44 24.04 6.45 2.17
N VAL A 45 24.78 6.26 3.26
CA VAL A 45 25.76 5.18 3.39
C VAL A 45 25.29 4.19 4.45
N PRO A 46 24.69 3.07 4.06
CA PRO A 46 24.29 2.07 5.06
C PRO A 46 25.47 1.44 5.77
N SER A 47 25.20 0.91 6.95
CA SER A 47 26.14 0.08 7.68
C SER A 47 25.78 -1.38 7.50
N TRP A 48 26.67 -2.12 6.82
CA TRP A 48 26.38 -3.50 6.43
C TRP A 48 27.06 -4.47 7.40
N GLY A 49 26.24 -5.33 8.03
CA GLY A 49 26.71 -6.46 8.81
C GLY A 49 26.94 -7.72 8.01
N ASN A 50 27.09 -8.85 8.70
CA ASN A 50 27.48 -10.13 8.08
C ASN A 50 26.30 -11.12 8.04
N GLN A 51 25.87 -11.56 6.83
CA GLN A 51 24.78 -12.52 6.71
C GLN A 51 25.13 -13.86 7.36
N ASP A 52 26.42 -14.15 7.56
CA ASP A 52 26.83 -15.36 8.25
C ASP A 52 26.31 -15.47 9.69
N ASP A 53 25.80 -14.38 10.30
CA ASP A 53 25.19 -14.42 11.62
C ASP A 53 23.75 -14.97 11.60
N TYR A 54 23.22 -15.29 10.43
CA TYR A 54 21.87 -15.78 10.24
C TYR A 54 21.94 -17.13 9.55
N GLN A 55 21.07 -18.04 9.98
CA GLN A 55 20.93 -19.37 9.36
C GLN A 55 19.60 -19.42 8.61
N LEU A 56 19.68 -19.59 7.29
CA LEU A 56 18.47 -19.72 6.48
C LEU A 56 17.80 -21.11 6.72
N VAL A 57 16.47 -21.12 6.85
CA VAL A 57 15.69 -22.30 7.15
C VAL A 57 14.80 -22.74 5.98
N ARG A 58 14.10 -21.82 5.36
CA ARG A 58 13.21 -22.14 4.25
C ARG A 58 12.91 -20.90 3.41
N LYS A 59 12.67 -21.10 2.13
CA LYS A 59 12.30 -20.05 1.20
C LYS A 59 10.80 -19.76 1.36
N LEU A 60 10.48 -18.47 1.49
CA LEU A 60 9.08 -18.01 1.63
C LEU A 60 8.44 -17.47 0.36
N GLY A 61 9.25 -16.91 -0.53
CA GLY A 61 8.76 -16.15 -1.63
C GLY A 61 9.90 -15.66 -2.51
N ARG A 62 9.51 -15.24 -3.72
CA ARG A 62 10.40 -14.78 -4.76
C ARG A 62 9.64 -13.82 -5.66
N GLY A 63 10.35 -12.80 -6.09
CA GLY A 63 9.79 -11.86 -7.04
C GLY A 63 10.90 -11.28 -7.88
N LYS A 64 10.54 -10.29 -8.71
CA LYS A 64 11.50 -9.73 -9.65
C LYS A 64 12.69 -9.07 -8.96
N TYR A 65 12.52 -8.53 -7.74
CA TYR A 65 13.62 -7.79 -7.10
C TYR A 65 14.28 -8.50 -5.91
N SER A 66 13.75 -9.62 -5.47
CA SER A 66 14.22 -10.20 -4.21
C SER A 66 13.71 -11.64 -4.09
N GLU A 67 14.34 -12.34 -3.17
CA GLU A 67 13.72 -13.51 -2.60
C GLU A 67 13.83 -13.45 -1.06
N VAL A 68 12.92 -14.12 -0.41
CA VAL A 68 12.76 -13.98 1.01
C VAL A 68 12.81 -15.35 1.66
N PHE A 69 13.54 -15.44 2.77
CA PHE A 69 13.75 -16.66 3.54
C PHE A 69 13.41 -16.48 5.01
N GLU A 70 12.82 -17.50 5.61
CA GLU A 70 12.78 -17.64 7.07
C GLU A 70 14.18 -17.99 7.56
N ALA A 71 14.60 -17.40 8.68
CA ALA A 71 15.96 -17.61 9.19
C ALA A 71 16.00 -17.53 10.71
N ILE A 72 17.11 -17.95 11.30
CA ILE A 72 17.36 -17.84 12.73
C ILE A 72 18.65 -17.01 12.92
N ASN A 73 18.58 -16.03 13.80
CA ASN A 73 19.76 -15.33 14.26
C ASN A 73 20.52 -16.24 15.21
N ILE A 74 21.75 -16.64 14.80
CA ILE A 74 22.55 -17.63 15.53
C ILE A 74 23.04 -17.10 16.87
N THR A 75 23.09 -15.78 17.07
CA THR A 75 23.62 -15.29 18.32
C THR A 75 22.59 -15.18 19.40
N ASN A 76 21.29 -15.15 19.07
CA ASN A 76 20.23 -14.97 20.07
C ASN A 76 19.00 -15.86 19.84
N ASN A 77 19.05 -16.75 18.85
CA ASN A 77 18.02 -17.73 18.53
C ASN A 77 16.70 -17.12 18.05
N GLU A 78 16.68 -15.85 17.64
CA GLU A 78 15.44 -15.20 17.18
C GLU A 78 15.12 -15.63 15.77
N ARG A 79 13.84 -15.91 15.52
CA ARG A 79 13.33 -16.14 14.18
C ARG A 79 13.09 -14.81 13.46
N VAL A 80 13.56 -14.70 12.22
CA VAL A 80 13.56 -13.48 11.43
C VAL A 80 13.29 -13.86 9.98
N VAL A 81 13.17 -12.86 9.08
CA VAL A 81 13.10 -13.02 7.64
C VAL A 81 14.29 -12.29 7.04
N VAL A 82 14.96 -12.93 6.09
CA VAL A 82 16.05 -12.37 5.29
C VAL A 82 15.60 -12.16 3.85
N LYS A 83 15.62 -10.88 3.37
CA LYS A 83 15.30 -10.53 2.00
C LYS A 83 16.58 -10.26 1.25
N ILE A 84 16.94 -11.17 0.33
CA ILE A 84 18.17 -11.05 -0.43
C ILE A 84 17.85 -10.31 -1.72
N LEU A 85 18.56 -9.20 -1.92
CA LEU A 85 18.19 -8.26 -2.98
C LEU A 85 18.85 -8.67 -4.31
N LYS A 86 18.08 -8.78 -5.36
CA LYS A 86 18.64 -9.06 -6.68
C LYS A 86 19.31 -7.82 -7.26
N PRO A 87 20.14 -7.99 -8.30
CA PRO A 87 20.90 -6.84 -8.82
C PRO A 87 19.98 -5.75 -9.37
N VAL A 88 20.16 -4.55 -8.82
CA VAL A 88 19.49 -3.33 -9.27
C VAL A 88 20.45 -2.18 -9.02
N LYS A 89 20.07 -1.00 -9.49
CA LYS A 89 20.84 0.20 -9.20
C LYS A 89 21.00 0.34 -7.69
N LYS A 90 22.23 0.63 -7.29
CA LYS A 90 22.51 0.89 -5.90
C LYS A 90 21.60 1.95 -5.33
N LYS A 91 21.11 2.87 -6.18
CA LYS A 91 20.21 3.93 -5.74
C LYS A 91 18.91 3.36 -5.18
N LYS A 92 18.39 2.29 -5.77
CA LYS A 92 17.13 1.72 -5.29
C LYS A 92 17.31 0.98 -3.96
N ILE A 93 18.49 0.41 -3.74
CA ILE A 93 18.82 -0.20 -2.45
C ILE A 93 18.89 0.86 -1.36
N LYS A 94 19.65 1.95 -1.65
CA LYS A 94 19.76 3.05 -0.69
C LYS A 94 18.40 3.65 -0.34
N ARG A 95 17.50 3.74 -1.35
CA ARG A 95 16.17 4.29 -1.11
C ARG A 95 15.42 3.45 -0.11
N GLU A 96 15.37 2.13 -0.33
CA GLU A 96 14.58 1.27 0.55
C GLU A 96 15.15 1.24 1.99
N VAL A 97 16.49 1.18 2.10
CA VAL A 97 17.12 1.24 3.41
C VAL A 97 16.82 2.56 4.14
N LYS A 98 17.01 3.71 3.45
CA LYS A 98 16.78 5.00 4.13
C LYS A 98 15.33 5.16 4.57
N ILE A 99 14.38 4.72 3.72
CA ILE A 99 12.98 4.77 4.07
C ILE A 99 12.70 3.95 5.32
N LEU A 100 13.21 2.69 5.35
CA LEU A 100 12.98 1.87 6.56
C LEU A 100 13.59 2.46 7.84
N GLU A 101 14.77 3.06 7.72
CA GLU A 101 15.39 3.74 8.86
C GLU A 101 14.53 4.91 9.34
N ASN A 102 14.00 5.73 8.41
CA ASN A 102 13.18 6.88 8.75
C ASN A 102 11.87 6.44 9.41
N LEU A 103 11.38 5.24 9.07
CA LEU A 103 10.13 4.72 9.61
C LEU A 103 10.31 3.92 10.91
N ARG A 104 11.56 3.89 11.48
CA ARG A 104 11.85 3.15 12.72
C ARG A 104 10.82 3.38 13.78
N GLY A 105 10.23 2.27 14.30
CA GLY A 105 9.27 2.36 15.37
C GLY A 105 7.86 2.73 14.95
N GLY A 106 7.61 2.94 13.65
CA GLY A 106 6.29 3.34 13.20
C GLY A 106 5.23 2.28 13.42
N THR A 107 4.02 2.76 13.68
CA THR A 107 2.91 1.86 14.02
C THR A 107 2.54 0.93 12.88
N ASN A 108 2.65 -0.39 13.12
CA ASN A 108 2.25 -1.41 12.16
C ASN A 108 3.11 -1.45 10.91
N ILE A 109 4.29 -0.82 10.93
CA ILE A 109 5.30 -0.91 9.85
C ILE A 109 6.21 -2.09 10.17
N ILE A 110 6.51 -2.94 9.18
CA ILE A 110 7.41 -4.09 9.45
C ILE A 110 8.72 -3.60 10.02
N LYS A 111 9.18 -4.25 11.12
CA LYS A 111 10.41 -3.83 11.81
C LYS A 111 11.65 -4.34 11.05
N LEU A 112 12.52 -3.44 10.59
CA LEU A 112 13.86 -3.73 10.08
C LEU A 112 14.76 -3.98 11.30
N ILE A 113 15.37 -5.14 11.38
CA ILE A 113 16.27 -5.57 12.45
C ILE A 113 17.74 -5.37 12.05
N ASP A 114 18.08 -5.52 10.77
CA ASP A 114 19.47 -5.46 10.34
C ASP A 114 19.58 -5.26 8.82
N THR A 115 20.76 -4.75 8.42
CA THR A 115 21.19 -4.61 7.02
C THR A 115 22.51 -5.34 6.86
N VAL A 116 22.56 -6.42 6.08
CA VAL A 116 23.75 -7.28 5.98
C VAL A 116 24.18 -7.56 4.53
N LYS A 117 25.42 -8.05 4.37
CA LYS A 117 25.90 -8.56 3.07
C LYS A 117 26.44 -10.00 3.21
N ASP A 118 26.30 -10.78 2.13
CA ASP A 118 26.91 -12.08 2.15
C ASP A 118 28.41 -11.97 2.31
N PRO A 119 29.06 -12.87 3.09
CA PRO A 119 30.50 -12.72 3.41
C PRO A 119 31.44 -13.03 2.27
N VAL A 120 30.96 -13.57 1.10
CA VAL A 120 31.81 -13.87 -0.06
C VAL A 120 31.38 -13.10 -1.31
N SER A 121 30.07 -13.07 -1.62
CA SER A 121 29.60 -12.36 -2.83
C SER A 121 29.33 -10.89 -2.53
N LYS A 122 29.13 -10.54 -1.25
CA LYS A 122 28.76 -9.18 -0.84
C LYS A 122 27.37 -8.75 -1.28
N THR A 123 26.52 -9.73 -1.65
CA THR A 123 25.13 -9.44 -2.04
C THR A 123 24.40 -8.85 -0.83
N PRO A 124 23.76 -7.68 -0.97
CA PRO A 124 23.03 -7.06 0.14
C PRO A 124 21.72 -7.78 0.46
N ALA A 125 21.37 -7.72 1.74
CA ALA A 125 20.14 -8.32 2.27
C ALA A 125 19.57 -7.50 3.44
N LEU A 126 18.26 -7.55 3.62
CA LEU A 126 17.56 -6.82 4.67
C LEU A 126 16.95 -7.86 5.63
N VAL A 127 17.07 -7.69 6.95
CA VAL A 127 16.62 -8.65 7.96
C VAL A 127 15.41 -8.00 8.65
N PHE A 128 14.25 -8.67 8.68
CA PHE A 128 12.99 -8.19 9.26
C PHE A 128 12.50 -9.11 10.40
N GLU A 129 11.60 -8.62 11.26
CA GLU A 129 10.82 -9.48 12.12
C GLU A 129 9.97 -10.46 11.31
N TYR A 130 9.75 -11.65 11.90
CA TYR A 130 8.91 -12.69 11.34
C TYR A 130 7.45 -12.52 11.83
N ILE A 131 6.49 -12.61 10.89
CA ILE A 131 5.05 -12.59 11.22
C ILE A 131 4.45 -13.95 10.84
N ASN A 132 3.65 -14.56 11.74
CA ASN A 132 2.97 -15.82 11.48
C ASN A 132 1.68 -15.55 10.69
N ASN A 133 1.89 -15.21 9.44
CA ASN A 133 0.82 -14.73 8.52
C ASN A 133 -0.10 -15.86 8.03
N THR A 134 -1.39 -15.52 7.84
CA THR A 134 -2.33 -16.37 7.13
C THR A 134 -2.53 -15.82 5.74
N ASP A 135 -2.33 -16.66 4.74
CA ASP A 135 -2.47 -16.13 3.41
C ASP A 135 -3.84 -15.55 3.21
N PHE A 136 -3.86 -14.43 2.51
CA PHE A 136 -5.07 -13.63 2.43
C PHE A 136 -6.20 -14.36 1.71
N LYS A 137 -5.90 -15.24 0.75
CA LYS A 137 -6.96 -15.95 0.07
C LYS A 137 -7.76 -16.84 1.02
N GLN A 138 -7.10 -17.42 2.02
CA GLN A 138 -7.79 -18.16 3.08
C GLN A 138 -8.44 -17.22 4.10
N LEU A 139 -7.69 -16.24 4.58
CA LEU A 139 -8.15 -15.39 5.65
C LEU A 139 -9.40 -14.62 5.27
N TYR A 140 -9.43 -14.05 4.07
CA TYR A 140 -10.49 -13.11 3.74
C TYR A 140 -11.85 -13.80 3.69
N GLN A 141 -11.90 -15.13 3.58
CA GLN A 141 -13.15 -15.87 3.52
C GLN A 141 -13.76 -16.10 4.89
N ILE A 142 -13.01 -15.89 5.97
CA ILE A 142 -13.46 -16.16 7.33
C ILE A 142 -13.62 -14.90 8.20
N LEU A 143 -13.31 -13.70 7.68
CA LEU A 143 -13.35 -12.49 8.50
C LEU A 143 -14.79 -12.06 8.82
N THR A 144 -15.02 -11.66 10.10
CA THR A 144 -16.27 -11.03 10.53
C THR A 144 -16.29 -9.52 10.21
N ASP A 145 -17.47 -8.90 10.40
CA ASP A 145 -17.58 -7.45 10.26
C ASP A 145 -16.55 -6.75 11.16
N PHE A 146 -16.55 -7.08 12.47
CA PHE A 146 -15.58 -6.47 13.38
C PHE A 146 -14.16 -6.71 12.90
N ASP A 147 -13.83 -7.94 12.44
CA ASP A 147 -12.45 -8.20 12.03
C ASP A 147 -12.02 -7.26 10.91
N ILE A 148 -12.87 -7.04 9.90
CA ILE A 148 -12.52 -6.13 8.80
C ILE A 148 -12.29 -4.72 9.29
N ARG A 149 -13.20 -4.23 10.15
CA ARG A 149 -13.02 -2.89 10.74
C ARG A 149 -11.67 -2.81 11.48
N PHE A 150 -11.33 -3.84 12.28
CA PHE A 150 -10.09 -3.85 13.05
C PHE A 150 -8.86 -3.81 12.13
N TYR A 151 -8.78 -4.76 11.20
CA TYR A 151 -7.59 -4.83 10.34
C TYR A 151 -7.45 -3.60 9.45
N MET A 152 -8.56 -3.07 8.94
CA MET A 152 -8.46 -1.83 8.15
C MET A 152 -7.99 -0.65 8.98
N TYR A 153 -8.47 -0.55 10.22
CA TYR A 153 -8.02 0.52 11.11
C TYR A 153 -6.54 0.41 11.40
N GLU A 154 -6.04 -0.80 11.65
CA GLU A 154 -4.63 -1.01 11.91
C GLU A 154 -3.76 -0.73 10.67
N LEU A 155 -4.23 -1.08 9.47
CA LEU A 155 -3.51 -0.72 8.23
C LEU A 155 -3.49 0.81 8.03
N LEU A 156 -4.63 1.47 8.31
CA LEU A 156 -4.65 2.95 8.20
C LEU A 156 -3.61 3.60 9.12
N LYS A 157 -3.38 3.05 10.34
CA LYS A 157 -2.35 3.62 11.21
C LYS A 157 -1.02 3.64 10.51
N ALA A 158 -0.66 2.54 9.83
CA ALA A 158 0.62 2.45 9.12
C ALA A 158 0.71 3.48 7.99
N LEU A 159 -0.39 3.67 7.21
CA LEU A 159 -0.39 4.67 6.13
C LEU A 159 -0.40 6.13 6.64
N ASP A 160 -1.15 6.39 7.73
CA ASP A 160 -1.02 7.73 8.29
C ASP A 160 0.40 7.99 8.77
N TYR A 161 1.05 6.97 9.40
CA TYR A 161 2.39 7.16 9.88
C TYR A 161 3.33 7.42 8.72
N CYS A 162 3.35 6.56 7.71
CA CYS A 162 4.36 6.77 6.67
C CYS A 162 4.13 8.07 5.86
N HIS A 163 2.86 8.42 5.66
CA HIS A 163 2.57 9.71 4.99
C HIS A 163 3.01 10.92 5.82
N SER A 164 2.87 10.80 7.15
CA SER A 164 3.33 11.87 8.05
C SER A 164 4.85 12.01 7.98
N LYS A 165 5.57 10.91 7.69
CA LYS A 165 7.03 10.83 7.48
C LYS A 165 7.41 11.16 6.05
N GLY A 166 6.48 11.69 5.19
CA GLY A 166 6.81 12.15 3.87
C GLY A 166 6.98 11.06 2.84
N ILE A 167 6.43 9.86 3.08
CA ILE A 167 6.71 8.67 2.22
C ILE A 167 5.40 8.08 1.68
N MET A 168 5.38 7.86 0.35
CA MET A 168 4.31 7.11 -0.31
C MET A 168 4.78 5.64 -0.42
N HIS A 169 3.91 4.68 -0.05
CA HIS A 169 4.29 3.25 -0.13
C HIS A 169 4.29 2.80 -1.60
N ARG A 170 3.21 3.05 -2.36
CA ARG A 170 3.13 2.81 -3.79
C ARG A 170 2.97 1.34 -4.19
N ASP A 171 2.77 0.44 -3.22
CA ASP A 171 2.51 -0.97 -3.56
C ASP A 171 1.60 -1.60 -2.52
N VAL A 172 0.57 -0.90 -2.10
CA VAL A 172 -0.42 -1.44 -1.15
C VAL A 172 -1.29 -2.48 -1.84
N LYS A 173 -1.35 -3.69 -1.25
CA LYS A 173 -2.13 -4.80 -1.77
C LYS A 173 -2.15 -5.87 -0.69
N PRO A 174 -3.07 -6.84 -0.79
CA PRO A 174 -3.12 -7.89 0.27
C PRO A 174 -1.80 -8.64 0.47
N HIS A 175 -1.05 -8.92 -0.61
N HIS A 175 -1.09 -9.01 -0.59
CA HIS A 175 0.20 -9.65 -0.51
CA HIS A 175 0.16 -9.74 -0.37
C HIS A 175 1.30 -8.90 0.19
C HIS A 175 1.17 -8.96 0.46
N ASN A 176 1.09 -7.61 0.45
CA ASN A 176 2.02 -6.78 1.22
C ASN A 176 1.50 -6.38 2.61
N VAL A 177 0.46 -7.05 3.08
CA VAL A 177 -0.09 -6.84 4.42
C VAL A 177 -0.04 -8.18 5.16
N MET A 178 0.92 -8.33 6.04
CA MET A 178 1.06 -9.56 6.86
C MET A 178 0.11 -9.47 8.06
N ILE A 179 -0.72 -10.52 8.27
CA ILE A 179 -1.76 -10.56 9.29
C ILE A 179 -1.57 -11.88 10.07
N ASP A 180 -1.22 -11.79 11.36
CA ASP A 180 -1.23 -12.94 12.28
C ASP A 180 -2.63 -12.87 12.91
N HIS A 181 -3.52 -13.77 12.49
CA HIS A 181 -4.92 -13.72 12.90
C HIS A 181 -5.14 -14.38 14.26
N GLN A 182 -4.12 -15.04 14.79
CA GLN A 182 -4.18 -15.62 16.13
C GLN A 182 -3.80 -14.61 17.21
N GLN A 183 -2.66 -13.90 17.03
CA GLN A 183 -2.21 -12.82 17.92
C GLN A 183 -2.75 -11.43 17.59
N LYS A 184 -3.47 -11.28 16.49
CA LYS A 184 -4.06 -10.00 16.05
C LYS A 184 -2.97 -8.94 15.82
N LYS A 185 -1.99 -9.32 14.98
CA LYS A 185 -0.87 -8.47 14.58
C LYS A 185 -0.94 -8.19 13.08
N LEU A 186 -0.71 -6.94 12.66
CA LEU A 186 -0.65 -6.54 11.29
C LEU A 186 0.59 -5.75 10.97
N ARG A 187 1.26 -6.06 9.83
CA ARG A 187 2.41 -5.26 9.35
C ARG A 187 2.34 -4.98 7.86
N LEU A 188 2.61 -3.74 7.51
CA LEU A 188 2.77 -3.35 6.13
C LEU A 188 4.22 -3.61 5.70
N ILE A 189 4.43 -4.41 4.63
CA ILE A 189 5.74 -4.88 4.18
C ILE A 189 6.05 -4.36 2.80
N ASP A 190 7.27 -4.64 2.32
CA ASP A 190 7.76 -4.44 0.97
C ASP A 190 7.71 -2.98 0.56
N TRP A 191 8.72 -2.26 1.06
CA TRP A 191 8.98 -0.83 0.86
C TRP A 191 9.86 -0.58 -0.35
N GLY A 192 10.06 -1.59 -1.22
CA GLY A 192 10.93 -1.43 -2.38
C GLY A 192 10.48 -0.47 -3.50
N LEU A 193 9.19 -0.15 -3.56
CA LEU A 193 8.71 0.89 -4.51
C LEU A 193 8.40 2.22 -3.84
N ALA A 194 8.59 2.30 -2.50
CA ALA A 194 8.22 3.51 -1.79
C ALA A 194 9.15 4.67 -2.18
N GLU A 195 8.61 5.91 -2.06
CA GLU A 195 9.33 7.12 -2.47
C GLU A 195 8.87 8.33 -1.65
N PHE A 196 9.76 9.31 -1.55
CA PHE A 196 9.48 10.57 -0.84
C PHE A 196 8.61 11.50 -1.69
N TYR A 197 7.63 12.10 -1.02
CA TYR A 197 6.72 13.07 -1.66
C TYR A 197 7.25 14.50 -1.61
N HIS A 198 7.13 15.19 -2.75
CA HIS A 198 7.51 16.57 -2.85
C HIS A 198 6.50 17.25 -3.79
N PRO A 199 5.83 18.38 -3.40
CA PRO A 199 4.76 18.94 -4.27
C PRO A 199 5.30 19.29 -5.67
N ALA A 200 4.49 18.98 -6.69
CA ALA A 200 4.75 19.22 -8.08
C ALA A 200 5.83 18.33 -8.70
N GLN A 201 6.42 17.40 -7.95
CA GLN A 201 7.33 16.43 -8.51
C GLN A 201 6.59 15.49 -9.45
N GLU A 202 7.21 15.23 -10.62
CA GLU A 202 6.72 14.18 -11.52
C GLU A 202 7.30 12.81 -11.15
N TYR A 203 6.44 11.84 -10.87
CA TYR A 203 6.84 10.50 -10.45
C TYR A 203 6.67 9.48 -11.59
N ASN A 204 7.40 8.36 -11.48
CA ASN A 204 7.19 7.23 -12.38
C ASN A 204 5.87 6.57 -12.07
N VAL A 205 5.05 6.41 -13.10
CA VAL A 205 3.73 5.79 -12.94
C VAL A 205 3.74 4.27 -12.92
N ARG A 206 4.87 3.61 -13.20
CA ARG A 206 5.01 2.15 -13.22
C ARG A 206 5.25 1.62 -11.79
N VAL A 207 4.23 1.78 -10.96
CA VAL A 207 4.21 1.36 -9.57
C VAL A 207 2.87 0.67 -9.33
N ALA A 208 2.78 -0.10 -8.21
CA ALA A 208 1.58 -0.82 -7.76
C ALA A 208 1.25 -2.04 -8.64
N SER A 209 0.60 -3.01 -8.06
CA SER A 209 0.03 -4.13 -8.80
C SER A 209 -1.14 -3.62 -9.63
N ARG A 210 -1.32 -4.18 -10.81
CA ARG A 210 -2.39 -3.82 -11.73
C ARG A 210 -3.71 -3.54 -11.04
N TYR A 211 -4.17 -4.46 -10.19
CA TYR A 211 -5.51 -4.38 -9.60
C TYR A 211 -5.67 -3.21 -8.60
N PHE A 212 -4.55 -2.70 -8.14
CA PHE A 212 -4.48 -1.67 -7.09
C PHE A 212 -3.97 -0.32 -7.57
N LYS A 213 -3.72 -0.20 -8.86
CA LYS A 213 -3.29 1.04 -9.50
C LYS A 213 -4.46 2.06 -9.49
N GLY A 214 -4.18 3.28 -8.99
CA GLY A 214 -5.15 4.37 -9.05
C GLY A 214 -5.38 4.81 -10.49
N PRO A 215 -6.57 5.41 -10.77
CA PRO A 215 -6.81 5.91 -12.12
C PRO A 215 -5.73 6.87 -12.62
N GLU A 216 -5.16 7.71 -11.74
CA GLU A 216 -4.06 8.58 -12.09
C GLU A 216 -2.92 7.85 -12.77
N LEU A 217 -2.55 6.63 -12.27
CA LEU A 217 -1.44 5.92 -12.91
C LEU A 217 -1.84 5.42 -14.30
N LEU A 218 -3.09 4.96 -14.40
CA LEU A 218 -3.61 4.34 -15.65
C LEU A 218 -3.74 5.36 -16.79
N VAL A 219 -3.90 6.64 -16.47
CA VAL A 219 -3.98 7.73 -17.45
C VAL A 219 -2.68 8.50 -17.53
N ASP A 220 -1.58 7.98 -16.91
CA ASP A 220 -0.22 8.55 -17.06
C ASP A 220 -0.12 9.97 -16.48
N TYR A 221 -0.83 10.19 -15.38
CA TYR A 221 -0.72 11.48 -14.67
C TYR A 221 0.37 11.36 -13.59
N GLN A 222 1.48 12.07 -13.81
CA GLN A 222 2.68 11.86 -13.02
C GLN A 222 2.74 12.65 -11.70
N MET A 223 1.89 13.65 -11.52
N MET A 223 1.91 13.65 -11.52
CA MET A 223 1.96 14.55 -10.36
CA MET A 223 1.96 14.49 -10.32
C MET A 223 1.17 14.05 -9.16
C MET A 223 0.97 14.01 -9.28
N TYR A 224 1.16 12.74 -8.93
CA TYR A 224 0.36 12.10 -7.87
C TYR A 224 0.97 12.26 -6.48
N ASP A 225 0.24 11.79 -5.46
CA ASP A 225 0.64 12.01 -4.08
C ASP A 225 0.27 10.85 -3.15
N TYR A 226 0.27 11.04 -1.79
CA TYR A 226 -0.13 10.02 -0.81
C TYR A 226 -1.44 9.37 -1.13
N SER A 227 -2.34 10.10 -1.76
CA SER A 227 -3.67 9.60 -2.04
C SER A 227 -3.72 8.40 -3.00
N LEU A 228 -2.62 8.13 -3.69
CA LEU A 228 -2.49 6.88 -4.42
C LEU A 228 -2.69 5.68 -3.48
N ASP A 229 -2.10 5.68 -2.30
CA ASP A 229 -2.16 4.60 -1.33
C ASP A 229 -3.56 4.48 -0.82
N MET A 230 -4.35 5.56 -0.81
CA MET A 230 -5.73 5.54 -0.30
C MET A 230 -6.70 4.93 -1.31
N TRP A 231 -6.43 5.08 -2.60
CA TRP A 231 -7.13 4.27 -3.63
C TRP A 231 -6.88 2.77 -3.42
N SER A 232 -5.62 2.36 -3.30
CA SER A 232 -5.29 0.96 -3.10
C SER A 232 -5.93 0.40 -1.85
N LEU A 233 -5.97 1.17 -0.76
CA LEU A 233 -6.66 0.78 0.46
C LEU A 233 -8.15 0.62 0.23
N GLY A 234 -8.76 1.56 -0.54
CA GLY A 234 -10.18 1.39 -0.86
C GLY A 234 -10.49 0.12 -1.65
N CYS A 235 -9.61 -0.20 -2.61
CA CYS A 235 -9.75 -1.47 -3.37
C CYS A 235 -9.76 -2.67 -2.38
N MET A 236 -8.88 -2.65 -1.39
CA MET A 236 -8.84 -3.70 -0.37
C MET A 236 -10.11 -3.75 0.46
N LEU A 237 -10.58 -2.59 0.94
CA LEU A 237 -11.81 -2.54 1.72
C LEU A 237 -12.99 -3.13 0.92
N ALA A 238 -13.11 -2.73 -0.37
CA ALA A 238 -14.21 -3.22 -1.19
C ALA A 238 -14.14 -4.78 -1.27
N SER A 239 -12.92 -5.33 -1.54
CA SER A 239 -12.79 -6.77 -1.68
C SER A 239 -13.14 -7.51 -0.40
N MET A 240 -12.92 -6.94 0.76
CA MET A 240 -13.22 -7.54 2.05
C MET A 240 -14.71 -7.51 2.39
N ILE A 241 -15.37 -6.35 2.27
CA ILE A 241 -16.78 -6.26 2.61
C ILE A 241 -17.66 -6.94 1.58
N PHE A 242 -17.24 -6.97 0.29
CA PHE A 242 -18.08 -7.59 -0.73
C PHE A 242 -17.70 -9.03 -1.08
N ARG A 243 -16.55 -9.51 -0.59
CA ARG A 243 -16.03 -10.83 -0.92
C ARG A 243 -15.82 -11.02 -2.42
N ARG A 244 -15.25 -10.04 -3.07
CA ARG A 244 -14.87 -10.12 -4.47
C ARG A 244 -13.42 -9.63 -4.52
N GLU A 245 -12.47 -10.56 -4.72
CA GLU A 245 -11.02 -10.31 -4.60
C GLU A 245 -10.27 -10.81 -5.83
N PRO A 246 -9.49 -9.96 -6.53
CA PRO A 246 -9.49 -8.49 -6.40
C PRO A 246 -10.79 -7.87 -6.83
N PHE A 247 -11.06 -6.64 -6.38
CA PHE A 247 -12.34 -6.00 -6.69
C PHE A 247 -12.45 -5.56 -8.14
N PHE A 248 -11.41 -4.94 -8.65
CA PHE A 248 -11.36 -4.50 -10.05
C PHE A 248 -10.30 -5.34 -10.76
N HIS A 249 -10.76 -6.28 -11.60
CA HIS A 249 -9.93 -7.36 -12.11
C HIS A 249 -9.61 -7.17 -13.60
N GLY A 250 -8.74 -6.23 -13.91
CA GLY A 250 -8.36 -5.99 -15.29
C GLY A 250 -7.48 -7.08 -15.87
N GLN A 251 -7.57 -7.19 -17.19
CA GLN A 251 -6.68 -8.11 -17.94
C GLN A 251 -5.32 -7.53 -18.38
N ASP A 252 -5.19 -6.23 -18.32
CA ASP A 252 -4.00 -5.45 -18.63
C ASP A 252 -4.32 -4.04 -18.14
N ASN A 253 -3.36 -3.12 -18.27
CA ASN A 253 -3.53 -1.76 -17.72
C ASN A 253 -4.65 -0.98 -18.41
N TYR A 254 -4.89 -1.21 -19.70
CA TYR A 254 -6.00 -0.57 -20.37
C TYR A 254 -7.33 -1.06 -19.80
N ASP A 255 -7.52 -2.41 -19.82
CA ASP A 255 -8.74 -2.98 -19.29
C ASP A 255 -8.98 -2.63 -17.81
N GLN A 256 -7.90 -2.42 -17.02
CA GLN A 256 -8.08 -2.00 -15.63
C GLN A 256 -8.90 -0.71 -15.53
N LEU A 257 -8.59 0.30 -16.37
CA LEU A 257 -9.37 1.55 -16.31
C LEU A 257 -10.80 1.31 -16.73
N VAL A 258 -11.03 0.44 -17.72
CA VAL A 258 -12.39 0.11 -18.13
C VAL A 258 -13.16 -0.51 -16.99
N ARG A 259 -12.53 -1.43 -16.24
CA ARG A 259 -13.23 -2.05 -15.12
C ARG A 259 -13.63 -1.01 -14.06
N ILE A 260 -12.73 -0.04 -13.80
CA ILE A 260 -13.07 1.05 -12.87
C ILE A 260 -14.25 1.89 -13.40
N ALA A 261 -14.22 2.23 -14.68
CA ALA A 261 -15.22 3.10 -15.28
C ALA A 261 -16.61 2.44 -15.32
N LYS A 262 -16.68 1.11 -15.37
CA LYS A 262 -17.95 0.37 -15.34
C LYS A 262 -18.63 0.49 -13.97
N VAL A 263 -17.89 0.90 -12.94
CA VAL A 263 -18.41 1.11 -11.59
C VAL A 263 -18.61 2.62 -11.30
N LEU A 264 -17.56 3.42 -11.43
CA LEU A 264 -17.56 4.85 -11.12
C LEU A 264 -18.19 5.72 -12.22
N GLY A 265 -18.34 5.23 -13.44
CA GLY A 265 -18.93 5.92 -14.54
C GLY A 265 -17.95 6.59 -15.48
N THR A 266 -18.30 6.69 -16.79
CA THR A 266 -17.48 7.40 -17.79
C THR A 266 -17.60 8.90 -17.74
N GLU A 267 -18.81 9.46 -17.53
CA GLU A 267 -18.90 10.93 -17.49
C GLU A 267 -18.08 11.48 -16.32
N GLU A 268 -18.08 10.76 -15.22
CA GLU A 268 -17.32 11.14 -14.06
C GLU A 268 -15.80 11.08 -14.34
N LEU A 269 -15.35 10.09 -15.11
CA LEU A 269 -13.94 10.05 -15.54
C LEU A 269 -13.58 11.28 -16.36
N TYR A 270 -14.44 11.66 -17.29
CA TYR A 270 -14.11 12.80 -18.15
C TYR A 270 -14.04 14.13 -17.38
N GLY A 271 -14.85 14.29 -16.34
CA GLY A 271 -14.75 15.48 -15.52
C GLY A 271 -13.44 15.55 -14.78
N TYR A 272 -12.93 14.41 -14.30
CA TYR A 272 -11.63 14.33 -13.64
C TYR A 272 -10.52 14.71 -14.60
N LEU A 273 -10.55 14.15 -15.80
CA LEU A 273 -9.50 14.43 -16.79
C LEU A 273 -9.48 15.91 -17.15
N LYS A 274 -10.66 16.49 -17.31
CA LYS A 274 -10.72 17.91 -17.66
C LYS A 274 -10.18 18.79 -16.56
N LYS A 275 -10.54 18.52 -15.30
CA LYS A 275 -10.05 19.31 -14.16
C LYS A 275 -8.53 19.39 -14.13
N TYR A 276 -7.82 18.27 -14.40
CA TYR A 276 -6.36 18.22 -14.25
C TYR A 276 -5.63 18.31 -15.59
N HIS A 277 -6.38 18.57 -16.68
CA HIS A 277 -5.81 18.77 -18.01
C HIS A 277 -5.04 17.52 -18.44
N ILE A 278 -5.68 16.36 -18.28
CA ILE A 278 -5.07 15.07 -18.54
C ILE A 278 -5.44 14.63 -19.93
N ASP A 279 -4.45 14.23 -20.68
CA ASP A 279 -4.70 13.66 -21.98
C ASP A 279 -4.78 12.15 -21.93
N LEU A 280 -5.80 11.67 -22.55
CA LEU A 280 -6.15 10.27 -22.51
C LEU A 280 -5.53 9.57 -23.74
N ASP A 281 -4.81 8.46 -23.50
CA ASP A 281 -4.27 7.63 -24.58
C ASP A 281 -5.41 7.27 -25.56
N PRO A 282 -5.24 7.51 -26.86
CA PRO A 282 -6.35 7.28 -27.81
C PRO A 282 -6.84 5.86 -27.93
N HIS A 283 -6.06 4.88 -27.50
CA HIS A 283 -6.55 3.53 -27.52
C HIS A 283 -7.77 3.37 -26.64
N PHE A 284 -7.87 4.19 -25.61
CA PHE A 284 -9.02 4.07 -24.72
C PHE A 284 -10.34 4.35 -25.46
N ASN A 285 -10.29 5.06 -26.59
CA ASN A 285 -11.47 5.38 -27.37
C ASN A 285 -12.18 4.12 -27.86
N ASP A 286 -11.40 3.07 -28.12
CA ASP A 286 -11.93 1.84 -28.67
C ASP A 286 -12.54 0.91 -27.62
N ILE A 287 -12.32 1.16 -26.33
CA ILE A 287 -12.65 0.18 -25.30
C ILE A 287 -13.47 0.74 -24.13
N LEU A 288 -13.50 2.07 -23.87
CA LEU A 288 -14.18 2.56 -22.65
C LEU A 288 -15.70 2.45 -22.72
N GLY A 289 -16.28 2.65 -23.91
CA GLY A 289 -17.72 2.65 -24.00
C GLY A 289 -18.37 3.82 -23.24
N GLN A 290 -19.64 3.61 -22.87
CA GLN A 290 -20.39 4.55 -22.05
C GLN A 290 -20.99 3.78 -20.87
N HIS A 291 -20.77 4.24 -19.65
CA HIS A 291 -21.21 3.50 -18.47
C HIS A 291 -21.74 4.48 -17.43
N SER A 292 -22.93 4.22 -16.88
CA SER A 292 -23.42 4.98 -15.73
C SER A 292 -22.70 4.59 -14.43
N ARG A 293 -22.65 5.51 -13.49
CA ARG A 293 -22.15 5.19 -12.15
C ARG A 293 -23.09 4.20 -11.50
N LYS A 294 -22.53 3.15 -10.89
CA LYS A 294 -23.32 2.20 -10.12
C LYS A 294 -23.50 2.58 -8.64
N ARG A 295 -24.60 2.24 -8.10
CA ARG A 295 -24.78 2.39 -6.68
C ARG A 295 -24.00 1.29 -5.93
N TRP A 296 -23.37 1.61 -4.78
CA TRP A 296 -22.61 0.58 -4.05
C TRP A 296 -23.51 -0.52 -3.54
N GLU A 297 -24.75 -0.21 -3.26
CA GLU A 297 -25.69 -1.25 -2.81
C GLU A 297 -25.88 -2.37 -3.81
N ASN A 298 -25.58 -2.12 -5.09
CA ASN A 298 -25.71 -3.15 -6.11
C ASN A 298 -24.78 -4.36 -5.86
N PHE A 299 -23.72 -4.20 -5.06
CA PHE A 299 -22.75 -5.29 -4.81
C PHE A 299 -23.16 -6.18 -3.67
N ILE A 300 -24.26 -5.86 -2.96
CA ILE A 300 -24.69 -6.64 -1.79
C ILE A 300 -25.54 -7.84 -2.19
N HIS A 301 -25.24 -8.99 -1.58
CA HIS A 301 -26.10 -10.17 -1.73
C HIS A 301 -25.96 -11.05 -0.47
N SER A 302 -26.60 -12.22 -0.49
CA SER A 302 -26.74 -12.95 0.77
C SER A 302 -25.39 -13.39 1.34
N GLU A 303 -24.36 -13.59 0.49
CA GLU A 303 -23.05 -14.06 0.98
C GLU A 303 -22.18 -12.99 1.62
N ASN A 304 -22.52 -11.70 1.46
CA ASN A 304 -21.73 -10.59 2.03
C ASN A 304 -22.55 -9.62 2.91
N ARG A 305 -23.88 -9.81 3.02
CA ARG A 305 -24.74 -8.79 3.63
C ARG A 305 -24.32 -8.52 5.07
N HIS A 306 -23.82 -9.53 5.82
CA HIS A 306 -23.40 -9.38 7.19
C HIS A 306 -22.14 -8.53 7.36
N LEU A 307 -21.41 -8.26 6.27
CA LEU A 307 -20.22 -7.44 6.31
C LEU A 307 -20.44 -6.01 5.82
N VAL A 308 -21.65 -5.68 5.37
CA VAL A 308 -21.96 -4.37 4.79
C VAL A 308 -22.90 -3.59 5.70
N SER A 309 -22.62 -2.32 5.88
CA SER A 309 -23.41 -1.41 6.73
C SER A 309 -23.47 -0.07 5.99
N PRO A 310 -24.39 0.83 6.38
CA PRO A 310 -24.35 2.18 5.78
C PRO A 310 -23.01 2.88 5.96
N GLU A 311 -22.38 2.63 7.14
CA GLU A 311 -21.09 3.24 7.43
C GLU A 311 -19.99 2.71 6.53
N ALA A 312 -19.98 1.41 6.25
CA ALA A 312 -18.99 0.86 5.31
C ALA A 312 -19.12 1.47 3.94
N LEU A 313 -20.37 1.58 3.45
CA LEU A 313 -20.55 2.10 2.10
C LEU A 313 -20.18 3.58 1.98
N ASP A 314 -20.51 4.37 3.02
CA ASP A 314 -20.17 5.79 3.01
C ASP A 314 -18.65 5.97 2.98
N LEU A 315 -17.91 5.18 3.79
CA LEU A 315 -16.44 5.23 3.78
C LEU A 315 -15.90 4.83 2.41
N LEU A 316 -16.37 3.70 1.90
CA LEU A 316 -15.86 3.25 0.59
C LEU A 316 -16.04 4.31 -0.52
N ASP A 317 -17.25 4.90 -0.54
CA ASP A 317 -17.59 5.94 -1.50
C ASP A 317 -16.63 7.14 -1.46
N LYS A 318 -16.05 7.42 -0.29
CA LYS A 318 -15.15 8.53 -0.07
C LYS A 318 -13.68 8.17 -0.31
N LEU A 319 -13.36 6.90 -0.57
CA LEU A 319 -12.04 6.35 -0.94
C LEU A 319 -11.91 6.15 -2.45
N LEU A 320 -12.89 5.38 -3.01
CA LEU A 320 -12.86 5.07 -4.45
C LEU A 320 -13.52 6.17 -5.27
N ARG A 321 -12.74 7.26 -5.39
CA ARG A 321 -13.10 8.42 -6.19
C ARG A 321 -12.01 8.71 -7.21
N TYR A 322 -12.37 9.10 -8.44
CA TYR A 322 -11.36 9.46 -9.44
C TYR A 322 -10.44 10.55 -8.91
N ASP A 323 -11.04 11.62 -8.39
CA ASP A 323 -10.32 12.84 -8.01
C ASP A 323 -9.46 12.59 -6.76
N HIS A 324 -8.14 12.51 -6.99
CA HIS A 324 -7.22 12.17 -5.92
C HIS A 324 -7.21 13.21 -4.80
N GLN A 325 -7.59 14.46 -5.04
CA GLN A 325 -7.70 15.50 -3.99
C GLN A 325 -8.99 15.38 -3.16
N GLN A 326 -9.96 14.56 -3.60
CA GLN A 326 -11.22 14.40 -2.89
C GLN A 326 -11.25 13.13 -2.02
N ARG A 327 -10.36 12.17 -2.27
CA ARG A 327 -10.29 10.96 -1.43
C ARG A 327 -9.91 11.30 0.02
N LEU A 328 -10.50 10.62 1.02
CA LEU A 328 -10.07 10.88 2.40
C LEU A 328 -8.60 10.58 2.58
N THR A 329 -7.94 11.39 3.39
CA THR A 329 -6.63 11.08 3.97
C THR A 329 -6.78 9.88 4.92
N ALA A 330 -5.65 9.23 5.21
CA ALA A 330 -5.67 8.09 6.16
C ALA A 330 -6.29 8.47 7.52
N LYS A 331 -5.92 9.67 8.03
CA LYS A 331 -6.50 10.09 9.30
C LYS A 331 -8.01 10.36 9.21
N GLU A 332 -8.46 11.02 8.12
CA GLU A 332 -9.91 11.22 7.95
C GLU A 332 -10.64 9.88 7.85
N ALA A 333 -10.04 8.87 7.17
CA ALA A 333 -10.65 7.56 7.16
C ALA A 333 -10.71 6.95 8.58
N MET A 334 -9.61 7.06 9.34
CA MET A 334 -9.63 6.60 10.75
C MET A 334 -10.70 7.24 11.61
N GLU A 335 -11.05 8.53 11.34
CA GLU A 335 -12.06 9.27 12.04
C GLU A 335 -13.48 8.92 11.65
N HIS A 336 -13.67 8.08 10.63
CA HIS A 336 -14.98 7.80 10.09
C HIS A 336 -15.77 6.92 11.05
N PRO A 337 -17.10 7.11 11.10
CA PRO A 337 -17.93 6.26 11.97
C PRO A 337 -17.77 4.74 11.79
N TYR A 338 -17.41 4.25 10.61
CA TYR A 338 -17.19 2.82 10.41
C TYR A 338 -16.25 2.24 11.47
N PHE A 339 -15.27 3.04 11.94
CA PHE A 339 -14.33 2.52 12.94
C PHE A 339 -14.67 2.80 14.39
N TYR A 340 -15.82 3.42 14.66
CA TYR A 340 -16.19 3.70 16.04
C TYR A 340 -16.17 2.43 16.93
N PRO A 341 -16.67 1.25 16.47
CA PRO A 341 -16.60 0.06 17.32
C PRO A 341 -15.19 -0.33 17.70
N VAL A 342 -14.23 -0.12 16.78
CA VAL A 342 -12.84 -0.46 17.06
C VAL A 342 -12.21 0.52 18.05
N VAL A 343 -12.48 1.84 17.88
CA VAL A 343 -11.97 2.86 18.82
C VAL A 343 -12.51 2.60 20.21
N LYS A 344 -13.80 2.27 20.31
CA LYS A 344 -14.39 1.96 21.63
C LYS A 344 -13.68 0.79 22.32
N GLU A 345 -13.45 -0.31 21.59
CA GLU A 345 -12.74 -1.44 22.17
C GLU A 345 -11.30 -1.09 22.56
N GLN A 346 -10.60 -0.26 21.78
CA GLN A 346 -9.22 0.05 22.08
C GLN A 346 -9.07 1.02 23.23
N SER A 347 -10.13 1.71 23.62
CA SER A 347 -10.03 2.54 24.80
C SER A 347 -10.62 1.86 26.02
N GLN A 348 -11.48 0.88 25.84
CA GLN A 348 -12.06 0.13 26.97
C GLN A 348 -11.00 -0.75 27.66
C02 LN3 B . 8.79 30.12 -3.79
C04 LN3 B . 9.94 29.26 -3.31
C05 LN3 B . 9.51 27.82 -3.04
C07 LN3 B . 10.35 27.17 -0.77
C09 LN3 B . 11.29 26.36 0.10
C10 LN3 B . 12.17 27.31 0.89
C11 LN3 B . 12.76 26.67 2.13
C15 LN3 B . 11.52 24.14 -1.04
C17 LN3 B . 12.47 23.24 -1.86
C18 LN3 B . 12.01 23.09 -3.31
C19 LN3 B . 12.19 24.31 -4.22
C23 LN3 B . 13.24 20.88 -1.41
C25 LN3 B . 12.82 19.55 -0.75
C26 LN3 B . 12.89 18.46 -1.83
C27 LN3 B . 12.46 17.06 -1.35
C28 LN3 B . 12.67 16.05 -2.44
C29 LN3 B . 12.39 14.59 -1.96
C30 LN3 B . 13.01 13.55 -2.87
C31 LN3 B . 12.14 13.31 -4.13
C32 LN3 B . 12.74 12.29 -5.14
C33 LN3 B . 11.73 11.90 -6.22
C34 LN3 B . 12.28 10.95 -7.26
C35 LN3 B . 11.14 10.46 -8.21
C37 LN3 B . 11.58 8.06 -8.84
C38 LN3 B . 10.29 7.28 -8.83
C41 LN3 B . 11.48 9.71 -10.64
C43 LN3 B . 11.31 11.15 -11.12
C44 LN3 B . 11.49 11.29 -12.65
C45 LN3 B . 12.85 11.79 -13.11
C48 LN3 B . 14.18 13.43 -14.63
C50 LN3 B . 16.44 13.35 -14.76
C51 LN3 B . 16.29 14.54 -15.46
C52 LN3 B . 17.37 15.22 -15.95
C53 LN3 B . 17.36 15.81 -17.21
C54 LN3 B . 18.50 16.48 -17.64
C55 LN3 B . 19.62 16.55 -16.80
C56 LN3 B . 20.87 17.26 -17.25
C59 LN3 B . 19.62 15.95 -15.54
C60 LN3 B . 18.48 15.28 -15.11
C62 LN3 B . 9.23 26.97 -4.26
N06 LN3 B . 10.48 27.06 -2.16
N14 LN3 B . 12.11 25.37 -0.66
N22 LN3 B . 12.28 21.92 -1.27
N36 LN3 B . 11.49 9.47 -9.23
N47 LN3 B . 12.88 12.87 -14.16
N49 LN3 B . 15.32 12.79 -14.35
O01 LN3 B . 8.95 31.14 -4.48
O03 LN3 B . 7.61 29.84 -3.47
O08 LN3 B . 9.48 27.85 -0.32
O12 LN3 B . 12.08 25.83 2.79
O13 LN3 B . 13.91 27.00 2.50
O16 LN3 B . 10.36 23.87 -0.82
O20 LN3 B . 12.44 25.45 -3.75
O21 LN3 B . 12.18 24.18 -5.48
O24 LN3 B . 14.25 21.14 -2.01
O39 LN3 B . 10.39 6.05 -8.56
O40 LN3 B . 9.19 7.84 -9.02
O42 LN3 B . 11.68 8.78 -11.40
O46 LN3 B . 13.83 11.30 -12.59
O57 LN3 B . 21.98 16.94 -16.70
O58 LN3 B . 20.80 18.14 -18.15
O63 LN3 B . 9.15 27.48 -5.44
O64 LN3 B . 9.01 25.74 -3.99
S61 LN3 B . 14.59 14.90 -15.53
H042 LN3 B . 10.28 29.63 -2.52
H041 LN3 B . 10.61 29.26 -3.97
H051 LN3 B . 8.70 27.92 -2.57
H091 LN3 B . 10.78 25.82 0.67
H101 LN3 B . 12.88 27.59 0.33
H102 LN3 B . 11.66 28.05 1.14
H171 LN3 B . 13.33 23.58 -1.82
H181 LN3 B . 12.49 22.37 -3.68
H182 LN3 B . 11.10 22.87 -3.30
H252 LN3 B . 11.95 19.62 -0.40
H251 LN3 B . 13.41 19.35 -0.04
H261 LN3 B . 13.76 18.40 -2.15
H262 LN3 B . 12.32 18.71 -2.55
H272 LN3 B . 11.55 17.08 -1.11
H271 LN3 B . 12.97 16.82 -0.60
H282 LN3 B . 13.56 16.10 -2.74
H281 LN3 B . 12.10 16.24 -3.16
H291 LN3 B . 11.46 14.45 -1.92
H292 LN3 B . 12.74 14.49 -1.09
H301 LN3 B . 13.10 12.74 -2.41
H302 LN3 B . 13.86 13.84 -3.15
H311 LN3 B . 12.02 14.13 -4.57
H312 LN3 B . 11.30 12.99 -3.85
H321 LN3 B . 12.99 11.52 -4.67
H322 LN3 B . 13.49 12.67 -5.54
H332 LN3 B . 11.45 12.68 -6.65
H331 LN3 B . 10.99 11.50 -5.80
H341 LN3 B . 12.66 10.20 -6.84
H342 LN3 B . 12.94 11.38 -7.78
H352 LN3 B . 10.81 11.22 -8.65
H351 LN3 B . 10.46 10.10 -7.67
H372 LN3 B . 12.17 7.64 -9.42
H371 LN3 B . 11.93 8.04 -7.96
H431 LN3 B . 11.95 11.69 -10.70
H432 LN3 B . 10.46 11.46 -10.89
H442 LN3 B . 10.84 11.89 -12.97
H441 LN3 B . 11.33 10.46 -13.04
H501 LN3 B . 17.27 12.97 -14.61
H531 LN3 B . 16.61 15.75 -17.75
H541 LN3 B . 18.52 16.86 -18.48
H591 LN3 B . 20.37 16.01 -15.00
H601 LN3 B . 18.46 14.88 -14.27
H061 LN3 B . 11.11 26.58 -2.50
H141 LN3 B . 12.94 25.55 -0.85
H221 LN3 B . 11.55 21.75 -0.83
H471 LN3 B . 12.13 13.16 -14.50
C02 LN3 C . 12.30 -19.60 -13.28
C04 LN3 C . 11.58 -18.99 -14.53
C05 LN3 C . 10.04 -19.29 -14.60
C07 LN3 C . 7.86 -17.78 -14.56
C09 LN3 C . 7.08 -16.57 -13.93
C10 LN3 C . 7.39 -15.22 -14.63
C11 LN3 C . 7.64 -15.24 -16.20
C15 LN3 C . 6.65 -17.47 -11.55
C17 LN3 C . 7.08 -17.52 -10.03
C18 LN3 C . 7.92 -18.81 -9.79
C19 LN3 C . 9.44 -18.57 -9.56
C23 LN3 C . 6.47 -17.33 -7.58
C25 LN3 C . 5.53 -17.29 -6.35
C26 LN3 C . 6.28 -17.58 -5.01
C27 LN3 C . 5.34 -17.32 -3.81
C28 LN3 C . 5.67 -18.02 -2.46
C29 LN3 C . 5.27 -19.52 -2.46
C30 LN3 C . 4.83 -20.08 -1.07
C31 LN3 C . 5.83 -21.10 -0.40
C32 LN3 C . 6.43 -20.53 0.91
C33 LN3 C . 5.48 -20.36 2.16
C34 LN3 C . 4.99 -18.93 2.56
C35 LN3 C . 3.74 -19.16 3.48
C37 LN3 C . 1.88 -17.43 3.06
C38 LN3 C . 2.20 -16.60 1.83
C41 LN3 C . 3.54 -17.10 4.91
C43 LN3 C . 4.68 -17.63 5.76
C44 LN3 C . 5.02 -16.65 6.83
C45 LN3 C . 5.76 -15.45 6.29
C48 LN3 C . 6.67 -13.28 7.00
C50 LN3 C . 7.54 -11.34 7.41
C51 LN3 C . 7.83 -11.30 6.06
C52 LN3 C . 8.40 -10.25 5.29
C53 LN3 C . 8.90 -9.05 5.83
C54 LN3 C . 9.29 -8.02 4.99
C55 LN3 C . 9.37 -8.16 3.61
C56 LN3 C . 9.72 -7.01 2.73
C59 LN3 C . 8.96 -9.37 3.01
C60 LN3 C . 8.48 -10.35 3.89
C62 LN3 C . 9.71 -20.64 -13.87
N06 LN3 C . 9.24 -18.14 -14.05
N14 LN3 C . 7.42 -16.61 -12.48
N22 LN3 C . 6.01 -17.49 -8.99
N36 LN3 C . 3.08 -17.88 3.80
N47 LN3 C . 6.03 -14.51 7.28
N49 LN3 C . 6.98 -12.46 7.92
O01 LN3 C . 12.99 -20.68 -13.33
O03 LN3 C . 12.22 -19.03 -12.15
O08 LN3 C . 7.34 -18.41 -15.43
O12 LN3 C . 8.81 -15.05 -16.66
O13 LN3 C . 6.70 -15.39 -17.06
O16 LN3 C . 5.73 -18.12 -11.96
O20 LN3 C . 10.16 -18.22 -10.57
O21 LN3 C . 9.95 -18.75 -8.39
O24 LN3 C . 7.65 -17.23 -7.35
O39 LN3 C . 1.30 -16.47 0.89
O40 LN3 C . 3.38 -16.05 1.82
O42 LN3 C . 2.92 -16.10 5.20
O46 LN3 C . 6.10 -15.26 5.17
O57 LN3 C . 9.71 -5.86 3.30
O58 LN3 C . 9.92 -7.16 1.48
O63 LN3 C . 9.32 -20.64 -12.64
O64 LN3 C . 9.85 -21.74 -14.52
S61 LN3 C . 7.20 -12.78 5.41
H042 LN3 C . 11.70 -18.06 -14.51
H041 LN3 C . 11.98 -19.35 -15.30
H051 LN3 C . 9.77 -19.36 -15.49
H091 LN3 C . 6.14 -16.66 -14.03
H101 LN3 C . 6.67 -14.64 -14.46
H102 LN3 C . 8.17 -14.87 -14.23
H171 LN3 C . 7.54 -16.71 -9.89
H181 LN3 C . 7.83 -19.37 -10.54
H182 LN3 C . 7.58 -19.25 -9.04
H252 LN3 C . 5.14 -16.44 -6.30
H251 LN3 C . 4.85 -17.92 -6.47
H261 LN3 C . 7.04 -17.04 -4.94
H262 LN3 C . 6.54 -18.48 -5.00
H272 LN3 C . 5.35 -16.39 -3.66
H271 LN3 C . 4.47 -17.58 -4.06
H282 LN3 C . 5.20 -17.58 -1.77
H281 LN3 C . 6.59 -17.95 -2.30
H291 LN3 C . 6.01 -20.03 -2.76
H292 LN3 C . 4.55 -19.64 -3.07
H301 LN3 C . 4.00 -20.51 -1.16
H302 LN3 C . 4.73 -19.35 -0.48
H311 LN3 C . 6.51 -21.30 -1.00
H312 LN3 C . 5.37 -21.90 -0.20
H321 LN3 C . 7.14 -21.09 1.16
H322 LN3 C . 6.77 -19.67 0.70
H332 LN3 C . 5.94 -20.72 2.90
H331 LN3 C . 4.72 -20.88 2.00
H341 LN3 C . 5.67 -18.46 3.03
H342 LN3 C . 4.76 -18.44 1.79
H352 LN3 C . 3.13 -19.71 3.03
H351 LN3 C . 4.02 -19.57 4.28
H372 LN3 C . 1.39 -18.19 2.79
H371 LN3 C . 1.34 -16.91 3.64
H431 LN3 C . 4.44 -18.45 6.14
H432 LN3 C . 5.44 -17.77 5.21
H442 LN3 C . 5.55 -17.06 7.49
H441 LN3 C . 4.22 -16.36 7.24
H501 LN3 C . 7.73 -10.61 7.96
H531 LN3 C . 8.98 -8.95 6.75
H541 LN3 C . 9.51 -7.20 5.37
H591 LN3 C . 9.01 -9.51 2.09
H601 LN3 C . 8.19 -11.15 3.52
H061 LN3 C . 9.58 -17.65 -13.42
H141 LN3 C . 8.08 -16.12 -12.19
H221 LN3 C . 5.18 -17.57 -9.19
H471 LN3 C . 5.81 -14.68 8.11
C1 EDO D . -4.49 -11.20 -6.27
O1 EDO D . -5.67 -11.90 -5.94
C2 EDO D . -4.56 -9.75 -5.87
O2 EDO D . -4.67 -9.49 -4.49
H11 EDO D . -4.32 -11.27 -7.35
H12 EDO D . -3.64 -11.67 -5.77
HO1 EDO D . -5.62 -12.81 -6.28
H21 EDO D . -3.66 -9.25 -6.24
H22 EDO D . -5.42 -9.29 -6.38
HO2 EDO D . -4.77 -8.54 -4.36
C1 EDO E . 9.72 0.03 11.60
O1 EDO E . 10.55 -0.17 12.75
C2 EDO E . 10.64 0.32 10.38
O2 EDO E . 11.31 -0.84 9.92
H11 EDO E . 9.03 0.86 11.76
H12 EDO E . 9.13 -0.88 11.42
HO1 EDO E . 9.99 -0.42 13.50
H21 EDO E . 10.04 0.73 9.57
H22 EDO E . 11.37 1.08 10.67
HO2 EDO E . 11.92 -0.60 9.22
C1 EDO F . 3.89 15.71 10.01
O1 EDO F . 2.78 15.88 10.99
C2 EDO F . 5.17 15.46 10.72
O2 EDO F . 5.57 16.49 11.66
H11 EDO F . 3.66 14.86 9.36
H12 EDO F . 3.97 16.60 9.39
HO1 EDO F . 1.97 16.11 10.53
H21 EDO F . 5.96 15.35 9.96
H22 EDO F . 5.10 14.52 11.27
HO2 EDO F . 6.41 16.24 12.08
C1 EDO G . 17.52 11.77 -3.71
O1 EDO G . 18.87 11.33 -3.45
C2 EDO G . 16.97 11.28 -5.03
O2 EDO G . 17.58 12.02 -6.07
H11 EDO G . 16.87 11.40 -2.91
H12 EDO G . 17.49 12.85 -3.70
HO1 EDO G . 19.18 11.73 -2.63
H21 EDO G . 15.89 11.42 -5.06
H22 EDO G . 17.18 10.22 -5.14
HO2 EDO G . 17.23 11.73 -6.93
C1 EDO H . -1.87 -4.75 15.23
O1 EDO H . -0.61 -4.86 14.67
C2 EDO H . -1.86 -4.41 16.72
O2 EDO H . -1.24 -5.49 17.47
H11 EDO H . -2.41 -5.69 15.09
H12 EDO H . -2.43 -3.97 14.71
HO1 EDO H . -0.25 -5.73 14.87
H21 EDO H . -2.87 -4.25 17.08
H22 EDO H . -1.28 -3.50 16.89
HO2 EDO H . -1.14 -5.22 18.39
C1 EDO I . -9.46 -9.00 14.57
O1 EDO I . -9.79 -10.40 14.36
C2 EDO I . -10.24 -8.47 15.72
O2 EDO I . -9.81 -8.98 16.99
H11 EDO I . -9.68 -8.42 13.67
H12 EDO I . -8.38 -8.89 14.78
HO1 EDO I . -9.55 -10.91 15.15
H21 EDO I . -11.29 -8.71 15.57
H22 EDO I . -10.15 -7.37 15.73
HO2 EDO I . -10.30 -8.53 17.70
CL CL J . -2.81 10.56 4.24
#